data_7HTT
#
_entry.id   7HTT
#
_cell.length_a   98.527
_cell.length_b   98.526
_cell.length_c   128.702
_cell.angle_alpha   90.00
_cell.angle_beta   90.00
_cell.angle_gamma   90.00
#
_symmetry.space_group_name_H-M   'I 2 2 2'
#
loop_
_entity.id
_entity.type
_entity.pdbx_description
1 polymer 'Oleoyl-acyl carrier protein thioesterase 1, chloroplastic'
2 non-polymer 1-[(2R)-2,3-dihydro-1,4-benzodioxin-2-yl]-N-methylmethanamine
3 water water
#
_entity_poly.entity_id   1
_entity_poly.type   'polypeptide(L)'
_entity_poly.pdbx_seq_one_letter_code
;MGSLTEDGLSYKEKFVVRSYEVGSNKTATVETIANLLQEVGCNHAQSVGFSTDGFATTTTMRKLHLIWVTARMHIEIYKY
PAWGDVVEIETWCQSEGRIGTRRDWILKDSVTGEVTGRATSKWVMMNQDTRRLQKVSDDVRDEYLVFCPQEPRLAFPEEN
NRSLKKIPKLEDPAQYSMIGLKPRRADLDMNQHVNNVTYIGWVLESIPQEIVDTHELQVITLDYRRECQQDDVVDSLTTT
TSEIGGTNGSATSGTQGHNDSQFLHLLRLSGDGQEINRGTTLWRKKPSSHHHHHH
;
_entity_poly.pdbx_strand_id   A,B
#
loop_
_chem_comp.id
_chem_comp.type
_chem_comp.name
_chem_comp.formula
A1BNE non-polymer 1-[(2R)-2,3-dihydro-1,4-benzodioxin-2-yl]-N-methylmethanamine 'C10 H13 N O2'
#
# COMPACT_ATOMS: atom_id res chain seq x y z
N GLY A 2 -12.34 -1.94 -15.87
CA GLY A 2 -11.62 -2.77 -16.82
C GLY A 2 -12.51 -3.75 -17.56
N SER A 3 -12.00 -4.32 -18.64
CA SER A 3 -12.75 -5.28 -19.41
C SER A 3 -11.85 -5.99 -20.41
N LEU A 4 -12.26 -7.21 -20.83
CA LEU A 4 -11.54 -7.94 -21.88
C LEU A 4 -11.71 -7.14 -23.19
N THR A 5 -10.71 -7.20 -24.06
CA THR A 5 -10.79 -6.53 -25.36
C THR A 5 -11.83 -7.23 -26.27
N GLU A 6 -12.05 -6.70 -27.47
CA GLU A 6 -13.00 -7.20 -28.45
C GLU A 6 -12.85 -8.70 -28.76
N ASP A 7 -11.61 -9.18 -28.90
CA ASP A 7 -11.40 -10.61 -29.20
C ASP A 7 -11.39 -11.51 -27.93
N GLY A 8 -11.47 -10.91 -26.74
CA GLY A 8 -11.46 -11.65 -25.48
C GLY A 8 -10.13 -12.33 -25.17
N LEU A 9 -9.05 -11.96 -25.89
CA LEU A 9 -7.73 -12.57 -25.69
C LEU A 9 -6.76 -11.70 -24.88
N SER A 10 -7.20 -10.54 -24.40
CA SER A 10 -6.41 -9.65 -23.53
C SER A 10 -7.35 -8.78 -22.64
N TYR A 11 -6.81 -8.09 -21.63
CA TYR A 11 -7.63 -7.32 -20.68
C TYR A 11 -7.05 -5.92 -20.49
N LYS A 12 -7.91 -4.89 -20.41
CA LYS A 12 -7.43 -3.52 -20.22
C LYS A 12 -8.07 -2.89 -18.99
N GLU A 13 -7.35 -1.99 -18.32
CA GLU A 13 -7.87 -1.27 -17.17
C GLU A 13 -7.16 0.07 -17.02
N LYS A 14 -7.93 1.10 -16.60
CA LYS A 14 -7.39 2.42 -16.35
C LYS A 14 -7.31 2.67 -14.85
N PHE A 15 -6.27 3.36 -14.42
CA PHE A 15 -6.06 3.68 -13.01
C PHE A 15 -5.67 5.14 -12.88
N VAL A 16 -6.21 5.83 -11.89
CA VAL A 16 -5.83 7.22 -11.64
C VAL A 16 -4.83 7.13 -10.49
N VAL A 17 -3.64 7.73 -10.65
CA VAL A 17 -2.61 7.64 -9.60
C VAL A 17 -3.03 8.38 -8.31
N ARG A 18 -2.96 7.69 -7.15
CA ARG A 18 -3.36 8.22 -5.84
C ARG A 18 -2.22 8.94 -5.11
N SER A 19 -2.58 9.86 -4.20
CA SER A 19 -1.69 10.68 -3.39
C SER A 19 -0.69 9.88 -2.61
N TYR A 20 -1.13 8.81 -1.95
CA TYR A 20 -0.24 7.96 -1.15
C TYR A 20 0.59 6.95 -1.98
N GLU A 21 0.35 6.88 -3.30
CA GLU A 21 1.04 5.98 -4.20
C GLU A 21 2.32 6.58 -4.83
N VAL A 22 2.58 7.89 -4.58
CA VAL A 22 3.73 8.53 -5.20
C VAL A 22 4.90 8.72 -4.24
N GLY A 23 6.10 8.80 -4.80
CA GLY A 23 7.34 8.98 -4.04
C GLY A 23 7.78 10.44 -3.94
N SER A 24 9.07 10.65 -3.64
N SER A 24 9.07 10.67 -3.62
N SER A 24 9.07 10.65 -3.64
CA SER A 24 9.66 11.99 -3.48
CA SER A 24 9.63 12.01 -3.48
CA SER A 24 9.66 11.99 -3.48
C SER A 24 9.61 12.85 -4.76
C SER A 24 9.62 12.85 -4.76
C SER A 24 9.61 12.85 -4.76
N ASN A 25 9.48 12.21 -5.93
CA ASN A 25 9.44 12.94 -7.20
C ASN A 25 8.01 13.36 -7.63
N LYS A 26 6.99 13.12 -6.79
CA LYS A 26 5.58 13.34 -7.13
C LYS A 26 5.08 12.41 -8.24
N THR A 27 5.78 11.26 -8.47
CA THR A 27 5.38 10.25 -9.44
C THR A 27 5.26 8.87 -8.78
N ALA A 28 4.47 7.96 -9.39
CA ALA A 28 4.23 6.62 -8.87
C ALA A 28 5.51 5.85 -8.62
N THR A 29 5.61 5.13 -7.48
CA THR A 29 6.79 4.33 -7.21
C THR A 29 6.74 3.03 -8.04
N VAL A 30 7.86 2.28 -8.13
CA VAL A 30 7.87 1.01 -8.85
C VAL A 30 6.97 -0.03 -8.15
N GLU A 31 6.78 0.09 -6.83
CA GLU A 31 5.92 -0.81 -6.08
C GLU A 31 4.46 -0.53 -6.37
N THR A 32 4.09 0.75 -6.63
CA THR A 32 2.74 1.09 -7.02
C THR A 32 2.47 0.48 -8.40
N ILE A 33 3.44 0.62 -9.33
CA ILE A 33 3.34 0.02 -10.65
C ILE A 33 3.15 -1.50 -10.55
N ALA A 34 4.04 -2.20 -9.79
CA ALA A 34 3.95 -3.64 -9.61
C ALA A 34 2.61 -4.09 -9.00
N ASN A 35 2.00 -3.25 -8.13
CA ASN A 35 0.70 -3.51 -7.50
C ASN A 35 -0.40 -3.43 -8.55
N LEU A 36 -0.33 -2.43 -9.45
CA LEU A 36 -1.32 -2.23 -10.51
C LEU A 36 -1.27 -3.36 -11.55
N LEU A 37 -0.07 -3.84 -11.89
CA LEU A 37 0.06 -4.97 -12.81
C LEU A 37 -0.59 -6.24 -12.22
N GLN A 38 -0.40 -6.44 -10.92
CA GLN A 38 -0.96 -7.56 -10.18
C GLN A 38 -2.49 -7.46 -10.12
N GLU A 39 -3.03 -6.24 -9.89
CA GLU A 39 -4.47 -5.98 -9.85
C GLU A 39 -5.15 -6.23 -11.22
N VAL A 40 -4.54 -5.76 -12.32
CA VAL A 40 -5.10 -5.97 -13.65
C VAL A 40 -5.01 -7.48 -14.03
N GLY A 41 -3.97 -8.18 -13.57
CA GLY A 41 -3.79 -9.61 -13.78
C GLY A 41 -4.87 -10.41 -13.07
N CYS A 42 -5.24 -10.00 -11.84
N CYS A 42 -5.23 -9.98 -11.86
N CYS A 42 -5.24 -10.00 -11.84
CA CYS A 42 -6.28 -10.65 -11.06
CA CYS A 42 -6.26 -10.62 -11.07
CA CYS A 42 -6.28 -10.65 -11.06
C CYS A 42 -7.66 -10.42 -11.69
C CYS A 42 -7.65 -10.41 -11.69
C CYS A 42 -7.65 -10.41 -11.69
N ASN A 43 -7.89 -9.20 -12.22
CA ASN A 43 -9.16 -8.85 -12.87
C ASN A 43 -9.35 -9.60 -14.20
N HIS A 44 -8.25 -9.89 -14.91
CA HIS A 44 -8.27 -10.66 -16.14
C HIS A 44 -8.65 -12.12 -15.80
N ALA A 45 -8.05 -12.71 -14.74
CA ALA A 45 -8.36 -14.07 -14.27
C ALA A 45 -9.84 -14.18 -13.82
N GLN A 46 -10.38 -13.15 -13.18
CA GLN A 46 -11.78 -13.15 -12.75
C GLN A 46 -12.73 -13.15 -13.94
N SER A 47 -12.45 -12.27 -14.93
CA SER A 47 -13.28 -12.09 -16.11
C SER A 47 -13.42 -13.33 -16.99
N VAL A 48 -12.54 -14.33 -16.82
CA VAL A 48 -12.62 -15.56 -17.60
C VAL A 48 -12.83 -16.82 -16.73
N GLY A 49 -13.33 -16.65 -15.51
CA GLY A 49 -13.67 -17.76 -14.64
C GLY A 49 -12.61 -18.46 -13.83
N PHE A 50 -11.39 -17.92 -13.76
CA PHE A 50 -10.33 -18.52 -12.95
C PHE A 50 -10.45 -18.09 -11.49
N SER A 51 -9.69 -18.75 -10.58
CA SER A 51 -9.66 -18.37 -9.18
C SER A 51 -9.04 -16.96 -9.07
N THR A 52 -9.41 -16.26 -8.01
CA THR A 52 -8.97 -14.89 -7.83
C THR A 52 -7.99 -14.69 -6.63
N ASP A 53 -7.64 -15.76 -5.92
CA ASP A 53 -6.71 -15.71 -4.77
C ASP A 53 -5.24 -15.39 -5.10
N GLY A 54 -4.95 -15.09 -6.37
CA GLY A 54 -3.60 -14.83 -6.83
C GLY A 54 -2.94 -16.04 -7.47
N PHE A 55 -3.65 -17.18 -7.53
CA PHE A 55 -3.15 -18.42 -8.09
C PHE A 55 -3.73 -18.84 -9.43
N ALA A 56 -4.78 -18.14 -9.97
CA ALA A 56 -5.48 -18.44 -11.25
C ALA A 56 -5.62 -19.94 -11.52
N THR A 57 -6.24 -20.63 -10.58
CA THR A 57 -6.31 -22.07 -10.43
C THR A 57 -7.05 -22.89 -11.57
N THR A 58 -8.39 -23.10 -11.55
CA THR A 58 -9.29 -23.98 -12.39
C THR A 58 -9.72 -25.16 -11.50
N THR A 59 -10.88 -25.79 -11.79
CA THR A 59 -11.34 -26.95 -11.03
C THR A 59 -10.34 -28.11 -11.07
N THR A 60 -9.58 -28.27 -12.16
CA THR A 60 -8.59 -29.35 -12.27
C THR A 60 -7.40 -29.11 -11.35
N MET A 61 -6.80 -27.92 -11.40
CA MET A 61 -5.68 -27.58 -10.51
C MET A 61 -6.14 -27.65 -9.03
N ARG A 62 -7.35 -27.18 -8.76
CA ARG A 62 -7.92 -27.17 -7.41
C ARG A 62 -8.06 -28.58 -6.83
N LYS A 63 -8.43 -29.56 -7.69
CA LYS A 63 -8.55 -30.97 -7.32
C LYS A 63 -7.17 -31.53 -6.90
N LEU A 64 -6.13 -31.24 -7.69
CA LEU A 64 -4.78 -31.75 -7.44
C LEU A 64 -3.93 -30.87 -6.51
N HIS A 65 -4.52 -29.81 -5.91
CA HIS A 65 -3.81 -28.87 -5.03
C HIS A 65 -2.68 -28.16 -5.76
N LEU A 66 -2.92 -27.78 -7.02
CA LEU A 66 -1.93 -27.11 -7.85
C LEU A 66 -2.18 -25.62 -7.96
N ILE A 67 -1.12 -24.82 -7.84
CA ILE A 67 -1.17 -23.36 -7.96
C ILE A 67 -0.11 -22.85 -8.94
N TRP A 68 -0.33 -21.66 -9.49
CA TRP A 68 0.63 -20.98 -10.37
C TRP A 68 1.47 -20.08 -9.46
N VAL A 69 2.79 -20.12 -9.59
CA VAL A 69 3.68 -19.28 -8.78
C VAL A 69 4.65 -18.49 -9.67
N THR A 70 4.97 -17.23 -9.29
CA THR A 70 5.92 -16.42 -10.08
C THR A 70 7.37 -16.92 -9.93
N ALA A 71 8.04 -17.15 -11.05
CA ALA A 71 9.45 -17.55 -11.02
C ALA A 71 10.35 -16.34 -11.40
N ARG A 72 9.86 -15.45 -12.28
CA ARG A 72 10.60 -14.24 -12.67
C ARG A 72 9.66 -13.08 -12.99
N MET A 73 10.07 -11.86 -12.63
CA MET A 73 9.35 -10.61 -12.92
C MET A 73 10.35 -9.64 -13.58
N HIS A 74 9.97 -9.03 -14.69
CA HIS A 74 10.83 -8.09 -15.39
C HIS A 74 10.03 -6.83 -15.71
N ILE A 75 10.46 -5.66 -15.19
CA ILE A 75 9.73 -4.41 -15.43
C ILE A 75 10.63 -3.33 -16.01
N GLU A 76 10.18 -2.67 -17.09
CA GLU A 76 10.92 -1.58 -17.70
C GLU A 76 10.03 -0.33 -17.82
N ILE A 77 10.37 0.76 -17.08
CA ILE A 77 9.59 1.99 -17.06
C ILE A 77 10.32 3.14 -17.77
N TYR A 78 9.64 3.80 -18.76
CA TYR A 78 10.20 4.96 -19.48
C TYR A 78 9.74 6.24 -18.79
N LYS A 79 8.47 6.29 -18.39
CA LYS A 79 7.91 7.45 -17.71
C LYS A 79 7.02 6.99 -16.55
N TYR A 80 7.28 7.48 -15.33
CA TYR A 80 6.45 7.11 -14.19
C TYR A 80 5.31 8.09 -14.17
N PRO A 81 4.06 7.61 -14.13
CA PRO A 81 2.92 8.54 -14.14
C PRO A 81 2.93 9.46 -12.93
N ALA A 82 2.43 10.67 -13.10
CA ALA A 82 2.37 11.63 -12.01
C ALA A 82 1.06 11.42 -11.23
N TRP A 83 0.99 11.96 -10.01
CA TRP A 83 -0.20 11.86 -9.19
C TRP A 83 -1.34 12.62 -9.87
N GLY A 84 -2.45 11.93 -10.05
CA GLY A 84 -3.61 12.50 -10.74
C GLY A 84 -3.70 12.05 -12.18
N ASP A 85 -2.61 11.49 -12.75
CA ASP A 85 -2.59 11.01 -14.13
C ASP A 85 -3.29 9.67 -14.27
N VAL A 86 -3.81 9.39 -15.47
CA VAL A 86 -4.47 8.12 -15.74
C VAL A 86 -3.52 7.22 -16.53
N VAL A 87 -3.26 6.01 -16.03
CA VAL A 87 -2.42 5.05 -16.72
C VAL A 87 -3.30 3.89 -17.21
N GLU A 88 -3.15 3.50 -18.49
CA GLU A 88 -3.92 2.37 -19.01
C GLU A 88 -3.01 1.17 -19.16
N ILE A 89 -3.36 0.03 -18.57
CA ILE A 89 -2.54 -1.17 -18.64
C ILE A 89 -3.24 -2.29 -19.42
N GLU A 90 -2.59 -2.84 -20.45
CA GLU A 90 -3.12 -3.96 -21.21
C GLU A 90 -2.33 -5.24 -20.85
N THR A 91 -3.04 -6.32 -20.50
CA THR A 91 -2.37 -7.56 -20.09
C THR A 91 -2.92 -8.80 -20.82
N TRP A 92 -2.06 -9.76 -21.08
CA TRP A 92 -2.42 -11.00 -21.74
C TRP A 92 -1.52 -12.14 -21.26
N CYS A 93 -1.95 -13.38 -21.52
CA CYS A 93 -1.16 -14.54 -21.16
C CYS A 93 -0.83 -15.37 -22.36
N GLN A 94 0.27 -16.09 -22.27
CA GLN A 94 0.70 -16.98 -23.32
C GLN A 94 1.29 -18.24 -22.71
N SER A 95 1.01 -19.36 -23.34
CA SER A 95 1.53 -20.64 -22.90
C SER A 95 2.97 -20.78 -23.40
N GLU A 96 3.85 -21.33 -22.58
CA GLU A 96 5.23 -21.59 -22.96
C GLU A 96 5.43 -23.10 -22.95
N GLY A 97 4.52 -23.82 -23.61
CA GLY A 97 4.55 -25.27 -23.68
C GLY A 97 4.40 -25.90 -22.31
N ARG A 98 5.18 -26.95 -22.04
CA ARG A 98 5.11 -27.61 -20.74
C ARG A 98 5.96 -26.93 -19.66
N ILE A 99 6.67 -25.81 -20.00
CA ILE A 99 7.48 -25.08 -19.02
C ILE A 99 6.60 -24.31 -18.03
N GLY A 100 5.55 -23.68 -18.54
CA GLY A 100 4.66 -22.89 -17.73
C GLY A 100 4.01 -21.79 -18.54
N THR A 101 3.58 -20.72 -17.88
CA THR A 101 2.94 -19.61 -18.57
C THR A 101 3.74 -18.31 -18.48
N ARG A 102 3.35 -17.33 -19.27
CA ARG A 102 3.94 -16.03 -19.27
C ARG A 102 2.83 -14.99 -19.22
N ARG A 103 2.96 -13.96 -18.37
CA ARG A 103 2.00 -12.87 -18.38
C ARG A 103 2.75 -11.61 -18.80
N ASP A 104 2.23 -10.90 -19.82
CA ASP A 104 2.85 -9.67 -20.28
C ASP A 104 1.96 -8.44 -20.06
N TRP A 105 2.58 -7.28 -19.93
CA TRP A 105 1.85 -6.04 -19.71
C TRP A 105 2.42 -4.91 -20.56
N ILE A 106 1.55 -3.98 -20.96
CA ILE A 106 1.93 -2.75 -21.66
C ILE A 106 1.27 -1.62 -20.88
N LEU A 107 2.04 -0.62 -20.49
CA LEU A 107 1.53 0.54 -19.76
C LEU A 107 1.53 1.73 -20.72
N LYS A 108 0.42 2.48 -20.78
CA LYS A 108 0.32 3.65 -21.64
C LYS A 108 -0.20 4.87 -20.89
N ASP A 109 0.09 6.06 -21.41
CA ASP A 109 -0.47 7.29 -20.87
C ASP A 109 -1.87 7.33 -21.49
N SER A 110 -2.94 7.38 -20.67
CA SER A 110 -4.30 7.38 -21.21
C SER A 110 -4.61 8.60 -22.09
N VAL A 111 -3.93 9.73 -21.83
CA VAL A 111 -4.14 10.95 -22.57
C VAL A 111 -3.39 10.97 -23.91
N THR A 112 -2.10 10.62 -23.89
CA THR A 112 -1.27 10.67 -25.10
C THR A 112 -1.29 9.37 -25.93
N GLY A 113 -1.54 8.24 -25.27
CA GLY A 113 -1.54 6.92 -25.92
C GLY A 113 -0.16 6.30 -26.08
N GLU A 114 0.89 6.98 -25.61
CA GLU A 114 2.26 6.50 -25.75
C GLU A 114 2.61 5.46 -24.70
N VAL A 115 3.45 4.49 -25.08
CA VAL A 115 3.89 3.43 -24.19
C VAL A 115 4.85 4.01 -23.15
N THR A 116 4.47 3.97 -21.88
CA THR A 116 5.31 4.52 -20.81
C THR A 116 6.03 3.42 -19.97
N GLY A 117 5.77 2.17 -20.28
CA GLY A 117 6.37 1.06 -19.56
C GLY A 117 5.90 -0.28 -20.07
N ARG A 118 6.62 -1.35 -19.73
CA ARG A 118 6.25 -2.70 -20.12
C ARG A 118 6.78 -3.73 -19.12
N ALA A 119 6.09 -4.87 -18.98
CA ALA A 119 6.49 -5.90 -18.05
C ALA A 119 6.26 -7.31 -18.56
N THR A 120 7.07 -8.25 -18.08
CA THR A 120 6.90 -9.65 -18.43
C THR A 120 7.14 -10.51 -17.18
N SER A 121 6.42 -11.62 -17.07
CA SER A 121 6.56 -12.50 -15.91
C SER A 121 6.46 -13.96 -16.31
N LYS A 122 7.28 -14.84 -15.69
CA LYS A 122 7.23 -16.27 -15.97
C LYS A 122 6.58 -16.99 -14.77
N TRP A 123 5.54 -17.79 -15.01
CA TRP A 123 4.85 -18.53 -13.94
C TRP A 123 5.05 -20.01 -14.10
N VAL A 124 5.15 -20.73 -12.99
CA VAL A 124 5.35 -22.18 -13.02
C VAL A 124 4.29 -22.89 -12.17
N MET A 125 3.95 -24.13 -12.56
CA MET A 125 2.95 -24.96 -11.89
C MET A 125 3.57 -25.64 -10.66
N MET A 126 2.91 -25.56 -9.51
CA MET A 126 3.48 -26.09 -8.27
C MET A 126 2.43 -26.65 -7.31
N ASN A 127 2.74 -27.75 -6.59
CA ASN A 127 1.83 -28.30 -5.59
C ASN A 127 1.87 -27.34 -4.41
N GLN A 128 0.71 -26.89 -3.95
CA GLN A 128 0.50 -25.97 -2.81
C GLN A 128 1.18 -26.45 -1.52
N ASP A 129 1.10 -27.75 -1.23
CA ASP A 129 1.54 -28.38 0.02
C ASP A 129 3.02 -28.76 0.06
N THR A 130 3.48 -29.51 -0.95
CA THR A 130 4.86 -29.96 -0.99
C THR A 130 5.82 -28.96 -1.60
N ARG A 131 5.30 -27.94 -2.33
CA ARG A 131 6.09 -26.90 -2.99
C ARG A 131 6.86 -27.43 -4.21
N ARG A 132 6.45 -28.56 -4.78
CA ARG A 132 7.14 -29.17 -5.90
C ARG A 132 6.65 -28.75 -7.25
N LEU A 133 7.58 -28.31 -8.10
CA LEU A 133 7.27 -27.87 -9.45
C LEU A 133 6.95 -29.04 -10.35
N GLN A 134 6.15 -28.78 -11.38
CA GLN A 134 5.79 -29.80 -12.36
C GLN A 134 5.45 -29.21 -13.71
N LYS A 135 5.69 -29.98 -14.76
CA LYS A 135 5.41 -29.51 -16.11
C LYS A 135 3.90 -29.47 -16.33
N VAL A 136 3.44 -28.46 -17.06
CA VAL A 136 2.02 -28.29 -17.35
C VAL A 136 1.48 -29.50 -18.15
N SER A 137 0.45 -30.15 -17.60
CA SER A 137 -0.16 -31.30 -18.28
C SER A 137 -1.11 -30.82 -19.40
N ASP A 138 -1.47 -31.75 -20.31
CA ASP A 138 -2.39 -31.44 -21.40
C ASP A 138 -3.77 -31.05 -20.90
N ASP A 139 -4.28 -31.73 -19.86
CA ASP A 139 -5.60 -31.42 -19.31
C ASP A 139 -5.68 -29.99 -18.79
N VAL A 140 -4.57 -29.49 -18.22
CA VAL A 140 -4.48 -28.13 -17.72
C VAL A 140 -4.31 -27.13 -18.87
N ARG A 141 -3.41 -27.44 -19.83
CA ARG A 141 -3.16 -26.61 -21.00
C ARG A 141 -4.45 -26.29 -21.77
N ASP A 142 -5.32 -27.29 -21.98
CA ASP A 142 -6.59 -27.14 -22.71
C ASP A 142 -7.58 -26.20 -22.01
N GLU A 143 -7.44 -26.02 -20.70
CA GLU A 143 -8.31 -25.15 -19.93
C GLU A 143 -7.97 -23.68 -20.04
N TYR A 144 -6.68 -23.31 -20.18
CA TYR A 144 -6.30 -21.91 -20.26
C TYR A 144 -5.91 -21.43 -21.66
N LEU A 145 -5.65 -22.34 -22.62
CA LEU A 145 -5.25 -21.93 -23.96
C LEU A 145 -6.34 -21.18 -24.73
N VAL A 146 -7.61 -21.50 -24.46
CA VAL A 146 -8.74 -20.80 -25.09
C VAL A 146 -8.85 -19.31 -24.67
N PHE A 147 -8.02 -18.86 -23.71
CA PHE A 147 -7.95 -17.47 -23.23
C PHE A 147 -6.64 -16.76 -23.60
N CYS A 148 -5.80 -17.42 -24.41
CA CYS A 148 -4.52 -16.89 -24.83
C CYS A 148 -4.50 -16.71 -26.35
N PRO A 149 -3.82 -15.65 -26.87
CA PRO A 149 -3.63 -15.57 -28.33
C PRO A 149 -2.73 -16.74 -28.78
N GLN A 150 -3.04 -17.37 -29.90
CA GLN A 150 -2.28 -18.52 -30.38
C GLN A 150 -0.94 -18.13 -31.02
N GLU A 151 -0.92 -17.03 -31.79
CA GLU A 151 0.33 -16.52 -32.35
C GLU A 151 1.07 -15.77 -31.24
N PRO A 152 2.40 -15.85 -31.21
CA PRO A 152 3.15 -15.14 -30.16
C PRO A 152 2.91 -13.64 -30.14
N ARG A 153 2.74 -13.08 -28.94
CA ARG A 153 2.53 -11.66 -28.71
C ARG A 153 3.42 -11.31 -27.51
N LEU A 154 4.61 -10.76 -27.79
CA LEU A 154 5.61 -10.48 -26.76
C LEU A 154 5.68 -9.02 -26.38
N ALA A 155 5.68 -8.71 -25.09
CA ALA A 155 5.90 -7.33 -24.64
C ALA A 155 7.38 -6.96 -24.84
N PHE A 156 8.30 -7.94 -24.79
CA PHE A 156 9.73 -7.76 -25.02
C PHE A 156 10.14 -8.68 -26.17
N PRO A 157 9.89 -8.25 -27.41
CA PRO A 157 10.19 -9.13 -28.55
C PRO A 157 11.67 -9.23 -28.93
N GLU A 158 12.46 -8.14 -28.78
CA GLU A 158 13.90 -8.07 -29.08
C GLU A 158 14.69 -9.39 -28.82
N GLU A 159 15.62 -9.73 -29.73
CA GLU A 159 16.39 -11.00 -29.67
C GLU A 159 17.37 -11.22 -28.46
N ASN A 160 18.07 -10.21 -27.96
CA ASN A 160 18.93 -10.40 -26.79
C ASN A 160 18.53 -9.33 -25.79
N ASN A 161 17.26 -9.33 -25.36
CA ASN A 161 16.77 -8.30 -24.44
C ASN A 161 17.00 -8.68 -22.96
N ARG A 162 16.91 -7.68 -22.07
CA ARG A 162 17.16 -7.79 -20.63
C ARG A 162 16.28 -8.78 -19.86
N SER A 163 15.05 -9.06 -20.34
CA SER A 163 14.09 -9.93 -19.64
C SER A 163 14.48 -11.41 -19.55
N LEU A 164 15.37 -11.87 -20.44
CA LEU A 164 15.78 -13.27 -20.48
C LEU A 164 17.26 -13.47 -20.08
N LYS A 165 17.88 -12.47 -19.44
CA LYS A 165 19.28 -12.56 -19.04
C LYS A 165 19.46 -13.41 -17.79
N LYS A 166 20.53 -14.19 -17.72
CA LYS A 166 20.84 -15.01 -16.55
C LYS A 166 21.36 -14.07 -15.41
N ILE A 167 20.93 -14.31 -14.15
CA ILE A 167 21.38 -13.47 -13.01
C ILE A 167 22.36 -14.22 -12.09
N PRO A 168 23.57 -13.67 -11.88
CA PRO A 168 24.53 -14.33 -10.99
C PRO A 168 24.23 -14.15 -9.50
N LYS A 169 24.86 -14.98 -8.67
CA LYS A 169 24.69 -14.88 -7.22
C LYS A 169 25.73 -13.92 -6.65
N LEU A 170 25.27 -12.89 -5.92
CA LEU A 170 26.10 -11.86 -5.30
C LEU A 170 27.14 -12.49 -4.38
N GLU A 171 28.38 -12.01 -4.48
CA GLU A 171 29.47 -12.52 -3.64
C GLU A 171 29.68 -11.66 -2.39
N ASP A 172 29.93 -12.32 -1.25
CA ASP A 172 30.21 -11.65 0.03
C ASP A 172 31.67 -11.16 0.03
N PRO A 173 31.98 -9.94 0.53
CA PRO A 173 31.06 -8.96 1.11
C PRO A 173 30.26 -8.12 0.10
N ALA A 174 29.01 -7.81 0.45
CA ALA A 174 28.13 -6.96 -0.35
C ALA A 174 28.56 -5.51 -0.15
N GLN A 175 28.43 -4.67 -1.18
CA GLN A 175 28.81 -3.27 -1.05
C GLN A 175 27.85 -2.53 -0.12
N TYR A 176 26.55 -2.82 -0.27
CA TYR A 176 25.47 -2.21 0.50
C TYR A 176 24.55 -3.29 1.12
N SER A 177 23.86 -2.95 2.21
CA SER A 177 22.96 -3.87 2.85
C SER A 177 21.93 -3.23 3.75
N MET A 178 20.78 -3.86 3.87
CA MET A 178 19.72 -3.45 4.77
C MET A 178 19.37 -4.74 5.51
N ILE A 179 19.62 -4.79 6.80
CA ILE A 179 19.45 -6.01 7.60
C ILE A 179 18.23 -5.96 8.50
N GLY A 180 17.67 -7.14 8.81
CA GLY A 180 16.55 -7.27 9.73
C GLY A 180 15.17 -6.92 9.22
N LEU A 181 14.93 -7.05 7.91
CA LEU A 181 13.65 -6.75 7.28
C LEU A 181 12.57 -7.80 7.58
N LYS A 182 11.42 -7.37 8.12
CA LYS A 182 10.34 -8.30 8.47
C LYS A 182 9.05 -7.86 7.83
N PRO A 183 8.23 -8.80 7.34
CA PRO A 183 6.92 -8.41 6.80
C PRO A 183 5.92 -8.13 7.92
N ARG A 184 5.04 -7.15 7.70
CA ARG A 184 3.94 -6.91 8.63
C ARG A 184 2.61 -7.44 7.98
N ARG A 185 1.44 -7.27 8.64
CA ARG A 185 0.19 -7.77 8.05
C ARG A 185 -0.21 -7.08 6.76
N ALA A 186 0.17 -5.79 6.57
CA ALA A 186 -0.12 -5.08 5.33
C ALA A 186 0.67 -5.71 4.16
N ASP A 187 1.81 -6.37 4.43
CA ASP A 187 2.62 -7.06 3.41
C ASP A 187 2.05 -8.44 2.99
N LEU A 188 0.98 -8.91 3.64
CA LEU A 188 0.41 -10.23 3.32
C LEU A 188 -0.80 -10.12 2.42
N ASP A 189 -1.03 -11.17 1.61
CA ASP A 189 -2.20 -11.25 0.72
C ASP A 189 -3.40 -11.92 1.48
N MET A 190 -4.50 -12.25 0.77
CA MET A 190 -5.66 -12.90 1.39
C MET A 190 -5.36 -14.33 1.89
N ASN A 191 -4.36 -15.00 1.28
CA ASN A 191 -3.96 -16.36 1.67
C ASN A 191 -2.88 -16.38 2.76
N GLN A 192 -2.56 -15.21 3.35
CA GLN A 192 -1.57 -14.98 4.41
C GLN A 192 -0.10 -15.19 3.93
N HIS A 193 0.12 -15.14 2.61
CA HIS A 193 1.45 -15.26 2.03
C HIS A 193 2.01 -13.85 1.79
N VAL A 194 3.35 -13.69 1.84
CA VAL A 194 3.94 -12.37 1.58
C VAL A 194 3.69 -11.97 0.11
N ASN A 195 3.18 -10.75 -0.14
CA ASN A 195 2.91 -10.28 -1.49
C ASN A 195 4.20 -10.17 -2.30
N ASN A 196 4.15 -10.57 -3.57
CA ASN A 196 5.33 -10.50 -4.45
C ASN A 196 5.95 -9.11 -4.54
N VAL A 197 5.13 -8.04 -4.36
CA VAL A 197 5.58 -6.66 -4.44
C VAL A 197 6.52 -6.28 -3.27
N THR A 198 6.32 -6.88 -2.08
CA THR A 198 7.15 -6.65 -0.88
C THR A 198 8.63 -7.00 -1.14
N TYR A 199 8.87 -8.06 -1.94
CA TYR A 199 10.24 -8.46 -2.28
C TYR A 199 10.94 -7.40 -3.12
N ILE A 200 10.19 -6.69 -4.00
CA ILE A 200 10.72 -5.59 -4.81
C ILE A 200 11.14 -4.46 -3.86
N GLY A 201 10.30 -4.13 -2.89
CA GLY A 201 10.62 -3.09 -1.92
C GLY A 201 11.83 -3.44 -1.07
N TRP A 202 11.92 -4.73 -0.67
CA TRP A 202 13.00 -5.26 0.11
C TRP A 202 14.31 -5.22 -0.68
N VAL A 203 14.27 -5.53 -1.99
CA VAL A 203 15.44 -5.44 -2.89
C VAL A 203 15.93 -3.97 -2.97
N LEU A 204 15.00 -3.03 -3.13
CA LEU A 204 15.37 -1.62 -3.27
C LEU A 204 15.85 -0.93 -1.97
N GLU A 205 15.57 -1.51 -0.78
CA GLU A 205 15.98 -0.98 0.52
C GLU A 205 17.52 -0.89 0.70
N SER A 206 18.28 -1.79 0.04
CA SER A 206 19.74 -1.74 0.15
C SER A 206 20.38 -0.74 -0.84
N ILE A 207 19.62 -0.16 -1.78
CA ILE A 207 20.10 0.87 -2.70
C ILE A 207 20.25 2.15 -1.86
N PRO A 208 21.41 2.80 -1.89
CA PRO A 208 21.58 4.03 -1.08
C PRO A 208 20.60 5.15 -1.45
N GLN A 209 20.22 5.97 -0.47
CA GLN A 209 19.26 7.05 -0.69
C GLN A 209 19.75 8.05 -1.73
N GLU A 210 21.07 8.29 -1.82
CA GLU A 210 21.65 9.20 -2.81
C GLU A 210 21.37 8.74 -4.23
N ILE A 211 21.43 7.42 -4.50
CA ILE A 211 21.12 6.88 -5.84
C ILE A 211 19.66 7.15 -6.15
N VAL A 212 18.77 6.89 -5.20
CA VAL A 212 17.34 7.12 -5.36
C VAL A 212 17.05 8.61 -5.63
N ASP A 213 17.74 9.51 -4.92
CA ASP A 213 17.59 10.96 -5.04
C ASP A 213 18.11 11.57 -6.35
N THR A 214 19.15 10.98 -6.96
CA THR A 214 19.74 11.52 -8.19
C THR A 214 19.41 10.72 -9.46
N HIS A 215 18.91 9.48 -9.30
CA HIS A 215 18.60 8.60 -10.43
C HIS A 215 17.14 8.13 -10.44
N GLU A 216 16.68 7.63 -11.59
CA GLU A 216 15.35 7.05 -11.74
C GLU A 216 15.51 5.59 -12.14
N LEU A 217 14.71 4.69 -11.54
CA LEU A 217 14.78 3.28 -11.86
C LEU A 217 14.18 2.98 -13.25
N GLN A 218 15.02 2.46 -14.17
CA GLN A 218 14.59 2.12 -15.52
C GLN A 218 14.16 0.66 -15.65
N VAL A 219 15.01 -0.28 -15.21
CA VAL A 219 14.76 -1.71 -15.36
C VAL A 219 14.99 -2.44 -14.03
N ILE A 220 14.17 -3.45 -13.75
CA ILE A 220 14.31 -4.32 -12.59
C ILE A 220 14.00 -5.75 -13.02
N THR A 221 14.91 -6.68 -12.79
CA THR A 221 14.70 -8.10 -13.07
C THR A 221 14.82 -8.86 -11.75
N LEU A 222 13.80 -9.65 -11.41
CA LEU A 222 13.78 -10.34 -10.14
C LEU A 222 13.41 -11.82 -10.27
N ASP A 223 14.29 -12.71 -9.82
CA ASP A 223 14.05 -14.16 -9.76
C ASP A 223 13.53 -14.51 -8.37
N TYR A 224 12.54 -15.40 -8.30
CA TYR A 224 11.92 -15.82 -7.04
C TYR A 224 12.32 -17.28 -6.79
N ARG A 225 13.20 -17.51 -5.83
CA ARG A 225 13.70 -18.85 -5.52
C ARG A 225 12.93 -19.54 -4.42
N ARG A 226 12.50 -18.76 -3.42
CA ARG A 226 11.86 -19.31 -2.23
C ARG A 226 10.95 -18.30 -1.59
N GLU A 227 9.90 -18.77 -0.98
CA GLU A 227 8.92 -17.92 -0.33
C GLU A 227 9.38 -17.48 1.11
N CYS A 228 9.07 -16.23 1.51
CA CYS A 228 9.42 -15.72 2.83
C CYS A 228 8.17 -15.89 3.70
N GLN A 229 8.30 -16.60 4.82
CA GLN A 229 7.18 -16.80 5.73
C GLN A 229 6.92 -15.53 6.55
N GLN A 230 5.72 -15.44 7.16
CA GLN A 230 5.32 -14.31 8.00
C GLN A 230 6.31 -14.11 9.18
N ASP A 231 6.87 -15.20 9.71
CA ASP A 231 7.81 -15.10 10.82
C ASP A 231 9.30 -15.13 10.39
N ASP A 232 9.58 -14.99 9.09
CA ASP A 232 10.97 -14.96 8.61
C ASP A 232 11.55 -13.53 8.64
N VAL A 233 12.88 -13.42 8.73
CA VAL A 233 13.61 -12.15 8.74
C VAL A 233 14.57 -12.17 7.55
N VAL A 234 14.58 -11.09 6.74
CA VAL A 234 15.31 -10.96 5.50
C VAL A 234 16.49 -9.95 5.57
N ASP A 235 17.58 -10.24 4.83
CA ASP A 235 18.71 -9.34 4.65
C ASP A 235 18.77 -9.00 3.15
N SER A 236 18.86 -7.71 2.83
CA SER A 236 18.89 -7.22 1.45
C SER A 236 20.32 -6.77 1.13
N LEU A 237 20.93 -7.32 0.09
CA LEU A 237 22.33 -7.06 -0.27
C LEU A 237 22.42 -6.50 -1.69
N THR A 238 23.25 -5.47 -1.90
CA THR A 238 23.43 -4.81 -3.20
C THR A 238 24.91 -4.54 -3.50
N THR A 239 25.30 -4.70 -4.77
CA THR A 239 26.65 -4.40 -5.22
C THR A 239 26.58 -3.69 -6.56
N THR A 240 27.35 -2.59 -6.73
CA THR A 240 27.36 -1.88 -8.01
C THR A 240 28.15 -2.70 -9.03
N THR A 241 27.53 -3.04 -10.17
CA THR A 241 28.22 -3.79 -11.22
C THR A 241 28.64 -2.93 -12.41
N SER A 242 28.19 -1.66 -12.48
CA SER A 242 28.60 -0.78 -13.57
C SER A 242 29.98 -0.12 -13.27
N ASN A 259 26.50 7.66 -17.17
CA ASN A 259 25.16 8.14 -16.79
C ASN A 259 24.28 7.03 -16.21
N ASP A 260 24.55 5.75 -16.54
CA ASP A 260 23.72 4.64 -16.05
C ASP A 260 24.39 3.88 -14.89
N SER A 261 23.58 3.43 -13.92
CA SER A 261 24.08 2.64 -12.79
C SER A 261 23.40 1.28 -12.74
N GLN A 262 24.20 0.21 -12.62
CA GLN A 262 23.67 -1.14 -12.53
C GLN A 262 24.03 -1.74 -11.21
N PHE A 263 23.10 -2.51 -10.67
CA PHE A 263 23.30 -3.16 -9.38
C PHE A 263 22.93 -4.62 -9.44
N LEU A 264 23.59 -5.43 -8.63
CA LEU A 264 23.29 -6.86 -8.47
C LEU A 264 22.71 -7.00 -7.08
N HIS A 265 21.58 -7.72 -6.96
CA HIS A 265 20.88 -7.84 -5.69
C HIS A 265 20.73 -9.26 -5.17
N LEU A 266 20.58 -9.40 -3.85
CA LEU A 266 20.33 -10.69 -3.22
C LEU A 266 19.51 -10.52 -1.94
N LEU A 267 18.40 -11.29 -1.83
CA LEU A 267 17.62 -11.37 -0.61
C LEU A 267 17.88 -12.75 -0.02
N ARG A 268 18.26 -12.81 1.25
CA ARG A 268 18.48 -14.08 1.92
C ARG A 268 17.97 -14.02 3.35
N LEU A 269 17.62 -15.17 3.94
CA LEU A 269 17.14 -15.21 5.32
C LEU A 269 18.26 -14.78 6.27
N SER A 270 17.93 -13.90 7.23
CA SER A 270 18.85 -13.29 8.20
C SER A 270 19.66 -14.30 8.98
N GLY A 271 19.07 -15.45 9.25
CA GLY A 271 19.74 -16.49 10.01
C GLY A 271 20.71 -17.28 9.17
N ASP A 272 20.22 -18.39 8.60
CA ASP A 272 21.01 -19.36 7.84
C ASP A 272 21.58 -18.84 6.51
N GLY A 273 21.14 -17.70 6.04
CA GLY A 273 21.62 -17.16 4.76
C GLY A 273 21.00 -17.85 3.55
N GLN A 274 19.83 -18.47 3.74
CA GLN A 274 19.08 -19.16 2.70
C GLN A 274 18.56 -18.15 1.65
N GLU A 275 18.93 -18.33 0.38
CA GLU A 275 18.49 -17.43 -0.68
C GLU A 275 16.98 -17.46 -0.95
N ILE A 276 16.35 -16.27 -1.02
CA ILE A 276 14.94 -16.20 -1.36
C ILE A 276 14.75 -15.51 -2.74
N ASN A 277 15.60 -14.52 -3.07
CA ASN A 277 15.55 -13.80 -4.34
C ASN A 277 16.92 -13.35 -4.77
N ARG A 278 17.09 -13.17 -6.07
CA ARG A 278 18.25 -12.54 -6.69
C ARG A 278 17.73 -11.65 -7.84
N GLY A 279 18.42 -10.55 -8.11
CA GLY A 279 17.99 -9.64 -9.17
C GLY A 279 18.99 -8.62 -9.62
N THR A 280 18.57 -7.76 -10.55
CA THR A 280 19.37 -6.67 -11.11
C THR A 280 18.50 -5.45 -11.30
N THR A 281 19.10 -4.26 -11.16
CA THR A 281 18.42 -2.99 -11.43
C THR A 281 19.29 -2.11 -12.33
N LEU A 282 18.65 -1.28 -13.15
CA LEU A 282 19.34 -0.33 -14.02
C LEU A 282 18.73 1.03 -13.75
N TRP A 283 19.55 2.02 -13.43
CA TRP A 283 19.07 3.37 -13.12
C TRP A 283 19.71 4.38 -14.06
N ARG A 284 19.00 5.47 -14.37
CA ARG A 284 19.59 6.52 -15.19
C ARG A 284 19.56 7.86 -14.49
N LYS A 285 20.48 8.78 -14.84
CA LYS A 285 20.52 10.08 -14.19
C LYS A 285 19.31 10.92 -14.58
N LYS A 286 18.74 11.67 -13.62
CA LYS A 286 17.58 12.54 -13.89
C LYS A 286 18.04 13.76 -14.68
N GLY B 2 -14.22 11.72 -8.10
CA GLY B 2 -14.76 12.47 -6.98
C GLY B 2 -15.07 13.91 -7.33
N SER B 3 -15.83 14.58 -6.47
CA SER B 3 -16.21 15.96 -6.69
C SER B 3 -16.82 16.57 -5.44
N LEU B 4 -16.76 17.90 -5.32
CA LEU B 4 -17.43 18.62 -4.23
C LEU B 4 -18.95 18.45 -4.43
N THR B 5 -19.70 18.42 -3.34
CA THR B 5 -21.16 18.33 -3.42
C THR B 5 -21.76 19.65 -3.97
N GLU B 6 -23.08 19.71 -4.16
CA GLU B 6 -23.80 20.85 -4.68
C GLU B 6 -23.50 22.18 -3.96
N ASP B 7 -23.41 22.16 -2.63
CA ASP B 7 -23.13 23.38 -1.89
C ASP B 7 -21.61 23.70 -1.79
N GLY B 8 -20.74 22.81 -2.26
CA GLY B 8 -19.31 23.00 -2.22
C GLY B 8 -18.72 22.96 -0.82
N LEU B 9 -19.50 22.47 0.17
CA LEU B 9 -19.05 22.42 1.56
C LEU B 9 -18.61 21.01 2.03
N SER B 10 -18.61 20.02 1.12
CA SER B 10 -18.12 18.66 1.38
C SER B 10 -17.68 17.98 0.06
N TYR B 11 -17.00 16.83 0.13
CA TYR B 11 -16.45 16.16 -1.06
C TYR B 11 -16.79 14.67 -1.05
N LYS B 12 -17.14 14.10 -2.20
CA LYS B 12 -17.47 12.67 -2.26
C LYS B 12 -16.60 11.96 -3.28
N GLU B 13 -16.33 10.67 -3.05
CA GLU B 13 -15.55 9.86 -3.98
C GLU B 13 -15.90 8.38 -3.82
N LYS B 14 -15.92 7.65 -4.95
CA LYS B 14 -16.19 6.23 -4.94
C LYS B 14 -14.90 5.48 -5.21
N PHE B 15 -14.74 4.33 -4.56
CA PHE B 15 -13.55 3.50 -4.73
C PHE B 15 -13.98 2.05 -4.87
N VAL B 16 -13.36 1.33 -5.80
CA VAL B 16 -13.63 -0.10 -5.96
C VAL B 16 -12.51 -0.80 -5.21
N VAL B 17 -12.85 -1.72 -4.30
CA VAL B 17 -11.81 -2.40 -3.49
C VAL B 17 -10.93 -3.31 -4.37
N ARG B 18 -9.59 -3.15 -4.26
CA ARG B 18 -8.59 -3.90 -5.05
C ARG B 18 -8.17 -5.22 -4.37
N SER B 19 -7.69 -6.17 -5.19
CA SER B 19 -7.24 -7.51 -4.78
C SER B 19 -6.18 -7.47 -3.71
N TYR B 20 -5.17 -6.60 -3.87
CA TYR B 20 -4.08 -6.51 -2.89
C TYR B 20 -4.43 -5.67 -1.63
N GLU B 21 -5.62 -5.08 -1.60
CA GLU B 21 -6.09 -4.25 -0.49
C GLU B 21 -6.86 -5.05 0.58
N VAL B 22 -7.13 -6.35 0.33
CA VAL B 22 -7.92 -7.14 1.26
C VAL B 22 -7.08 -8.08 2.11
N GLY B 23 -7.59 -8.41 3.29
CA GLY B 23 -6.92 -9.31 4.23
C GLY B 23 -7.36 -10.76 4.13
N SER B 24 -7.03 -11.57 5.16
CA SER B 24 -7.33 -13.00 5.23
C SER B 24 -8.83 -13.34 5.40
N ASN B 25 -9.71 -12.35 5.24
CA ASN B 25 -11.17 -12.53 5.29
C ASN B 25 -11.86 -12.05 3.99
N LYS B 26 -11.07 -11.79 2.92
CA LYS B 26 -11.51 -11.30 1.63
C LYS B 26 -12.19 -9.91 1.71
N THR B 27 -11.92 -9.14 2.78
CA THR B 27 -12.45 -7.78 2.93
C THR B 27 -11.30 -6.78 3.19
N ALA B 28 -11.55 -5.49 2.88
CA ALA B 28 -10.56 -4.42 3.02
C ALA B 28 -9.98 -4.35 4.43
N THR B 29 -8.67 -4.15 4.57
CA THR B 29 -8.06 -4.02 5.89
C THR B 29 -8.33 -2.59 6.43
N VAL B 30 -8.09 -2.37 7.73
CA VAL B 30 -8.28 -1.02 8.31
C VAL B 30 -7.25 -0.03 7.71
N GLU B 31 -6.08 -0.51 7.27
CA GLU B 31 -5.07 0.33 6.67
C GLU B 31 -5.49 0.75 5.26
N THR B 32 -6.23 -0.11 4.53
CA THR B 32 -6.77 0.25 3.23
C THR B 32 -7.81 1.36 3.43
N ILE B 33 -8.69 1.19 4.44
CA ILE B 33 -9.69 2.19 4.80
C ILE B 33 -9.02 3.52 5.13
N ALA B 34 -8.02 3.53 6.04
CA ALA B 34 -7.30 4.72 6.44
C ALA B 34 -6.60 5.42 5.26
N ASN B 35 -6.14 4.65 4.26
CA ASN B 35 -5.50 5.15 3.04
C ASN B 35 -6.54 5.87 2.17
N LEU B 36 -7.75 5.29 2.04
CA LEU B 36 -8.83 5.87 1.25
C LEU B 36 -9.36 7.17 1.86
N LEU B 37 -9.45 7.24 3.20
CA LEU B 37 -9.86 8.48 3.87
C LEU B 37 -8.84 9.60 3.59
N GLN B 38 -7.56 9.26 3.62
CA GLN B 38 -6.48 10.18 3.37
C GLN B 38 -6.49 10.66 1.90
N GLU B 39 -6.77 9.74 0.95
CA GLU B 39 -6.87 10.06 -0.48
C GLU B 39 -8.06 11.00 -0.78
N VAL B 40 -9.24 10.74 -0.19
CA VAL B 40 -10.40 11.60 -0.40
C VAL B 40 -10.17 12.99 0.27
N GLY B 41 -9.45 13.02 1.39
CA GLY B 41 -9.09 14.27 2.07
C GLY B 41 -8.15 15.12 1.23
N CYS B 42 -7.18 14.48 0.55
CA CYS B 42 -6.24 15.13 -0.35
C CYS B 42 -6.99 15.72 -1.54
N ASN B 43 -7.92 14.95 -2.12
CA ASN B 43 -8.70 15.36 -3.28
C ASN B 43 -9.63 16.53 -2.98
N HIS B 44 -10.15 16.60 -1.75
CA HIS B 44 -10.98 17.69 -1.28
C HIS B 44 -10.13 18.98 -1.18
N ALA B 45 -8.91 18.88 -0.61
CA ALA B 45 -7.96 20.01 -0.51
C ALA B 45 -7.54 20.52 -1.90
N GLN B 46 -7.35 19.61 -2.88
CA GLN B 46 -6.99 20.00 -4.23
C GLN B 46 -8.13 20.77 -4.91
N SER B 47 -9.37 20.26 -4.78
CA SER B 47 -10.56 20.83 -5.41
C SER B 47 -10.89 22.24 -4.97
N VAL B 48 -10.33 22.71 -3.83
CA VAL B 48 -10.59 24.06 -3.35
C VAL B 48 -9.30 24.92 -3.28
N GLY B 49 -8.25 24.55 -3.98
CA GLY B 49 -7.03 25.34 -4.07
C GLY B 49 -5.99 25.25 -2.98
N PHE B 50 -6.11 24.32 -2.03
CA PHE B 50 -5.10 24.15 -0.99
C PHE B 50 -3.93 23.29 -1.49
N SER B 51 -2.78 23.28 -0.76
CA SER B 51 -1.66 22.43 -1.13
C SER B 51 -2.08 20.96 -1.08
N THR B 52 -1.33 20.10 -1.79
CA THR B 52 -1.69 18.70 -1.88
C THR B 52 -0.62 17.74 -1.26
N ASP B 53 0.46 18.27 -0.69
CA ASP B 53 1.52 17.48 -0.06
C ASP B 53 1.14 16.73 1.24
N GLY B 54 -0.12 16.78 1.63
CA GLY B 54 -0.59 16.19 2.87
C GLY B 54 -0.71 17.20 4.00
N PHE B 55 -0.35 18.46 3.75
CA PHE B 55 -0.39 19.52 4.75
C PHE B 55 -1.50 20.55 4.59
N ALA B 56 -2.31 20.48 3.50
CA ALA B 56 -3.43 21.41 3.22
C ALA B 56 -3.11 22.89 3.51
N THR B 57 -1.93 23.30 3.09
CA THR B 57 -1.34 24.61 3.31
C THR B 57 -1.96 25.72 2.47
N THR B 58 -2.17 26.90 3.08
CA THR B 58 -2.66 28.09 2.38
C THR B 58 -1.45 28.96 1.98
N THR B 59 -1.64 29.99 1.14
CA THR B 59 -0.55 30.88 0.74
C THR B 59 0.04 31.61 1.97
N THR B 60 -0.78 31.88 3.00
CA THR B 60 -0.30 32.51 4.23
C THR B 60 0.57 31.53 5.03
N MET B 61 0.13 30.27 5.16
CA MET B 61 0.90 29.26 5.88
C MET B 61 2.25 28.97 5.21
N ARG B 62 2.30 29.02 3.86
CA ARG B 62 3.53 28.77 3.11
C ARG B 62 4.65 29.75 3.46
N LYS B 63 4.35 31.06 3.52
CA LYS B 63 5.36 32.07 3.86
C LYS B 63 5.87 31.89 5.29
N LEU B 64 4.96 31.55 6.20
CA LEU B 64 5.26 31.38 7.62
C LEU B 64 5.75 29.96 7.99
N HIS B 65 5.94 29.07 7.00
CA HIS B 65 6.41 27.69 7.21
C HIS B 65 5.48 26.90 8.15
N LEU B 66 4.16 27.10 8.01
CA LEU B 66 3.18 26.44 8.87
C LEU B 66 2.53 25.27 8.16
N ILE B 67 2.35 24.16 8.86
CA ILE B 67 1.67 22.98 8.33
C ILE B 67 0.59 22.46 9.28
N TRP B 68 -0.39 21.75 8.73
CA TRP B 68 -1.43 21.09 9.50
C TRP B 68 -0.91 19.69 9.79
N VAL B 69 -0.98 19.25 11.04
CA VAL B 69 -0.50 17.93 11.44
C VAL B 69 -1.60 17.16 12.22
N THR B 70 -1.71 15.84 12.02
CA THR B 70 -2.72 15.04 12.74
C THR B 70 -2.35 14.86 14.21
N ALA B 71 -3.27 15.17 15.11
CA ALA B 71 -3.07 14.96 16.55
C ALA B 71 -3.84 13.72 17.02
N ARG B 72 -4.96 13.39 16.36
CA ARG B 72 -5.78 12.24 16.73
C ARG B 72 -6.60 11.73 15.54
N MET B 73 -6.73 10.42 15.44
CA MET B 73 -7.50 9.74 14.40
C MET B 73 -8.45 8.75 15.10
N HIS B 74 -9.72 8.76 14.72
CA HIS B 74 -10.71 7.86 15.30
C HIS B 74 -11.51 7.19 14.20
N ILE B 75 -11.48 5.86 14.11
CA ILE B 75 -12.20 5.16 13.05
C ILE B 75 -13.12 4.07 13.61
N GLU B 76 -14.38 4.05 13.16
N GLU B 76 -14.39 4.04 13.15
N GLU B 76 -14.38 4.05 13.16
CA GLU B 76 -15.33 3.01 13.56
CA GLU B 76 -15.35 3.03 13.55
CA GLU B 76 -15.34 3.02 13.56
C GLU B 76 -15.91 2.36 12.33
C GLU B 76 -15.91 2.36 12.31
C GLU B 76 -15.90 2.36 12.32
N ILE B 77 -15.70 1.04 12.16
CA ILE B 77 -16.18 0.30 11.00
C ILE B 77 -17.26 -0.74 11.39
N TYR B 78 -18.44 -0.70 10.72
CA TYR B 78 -19.53 -1.66 10.95
C TYR B 78 -19.40 -2.81 9.97
N LYS B 79 -19.08 -2.50 8.70
CA LYS B 79 -18.92 -3.51 7.66
C LYS B 79 -17.70 -3.17 6.82
N TYR B 80 -16.76 -4.11 6.67
CA TYR B 80 -15.59 -3.88 5.83
C TYR B 80 -15.98 -4.28 4.44
N PRO B 81 -15.80 -3.39 3.45
CA PRO B 81 -16.20 -3.76 2.08
C PRO B 81 -15.44 -4.96 1.55
N ALA B 82 -16.07 -5.74 0.71
CA ALA B 82 -15.43 -6.91 0.12
C ALA B 82 -14.68 -6.50 -1.14
N TRP B 83 -13.76 -7.35 -1.61
CA TRP B 83 -13.00 -7.09 -2.81
C TRP B 83 -13.95 -7.05 -4.02
N GLY B 84 -13.89 -5.98 -4.77
CA GLY B 84 -14.78 -5.79 -5.90
C GLY B 84 -15.94 -4.86 -5.59
N ASP B 85 -16.21 -4.61 -4.30
CA ASP B 85 -17.30 -3.73 -3.86
C ASP B 85 -16.93 -2.26 -4.01
N VAL B 86 -17.92 -1.42 -4.18
CA VAL B 86 -17.72 0.02 -4.31
C VAL B 86 -18.07 0.69 -2.98
N VAL B 87 -17.14 1.46 -2.40
CA VAL B 87 -17.39 2.19 -1.18
C VAL B 87 -17.42 3.70 -1.52
N GLU B 88 -18.45 4.43 -1.03
CA GLU B 88 -18.51 5.86 -1.26
C GLU B 88 -18.17 6.58 0.02
N ILE B 89 -17.19 7.48 -0.02
CA ILE B 89 -16.78 8.23 1.17
C ILE B 89 -17.09 9.73 1.03
N GLU B 90 -17.81 10.30 2.01
CA GLU B 90 -18.09 11.74 2.04
C GLU B 90 -17.24 12.39 3.14
N THR B 91 -16.52 13.48 2.81
CA THR B 91 -15.66 14.14 3.78
C THR B 91 -15.86 15.66 3.82
N TRP B 92 -15.69 16.24 5.01
CA TRP B 92 -15.84 17.66 5.20
C TRP B 92 -14.93 18.13 6.35
N CYS B 93 -14.71 19.44 6.43
CA CYS B 93 -13.90 20.01 7.49
C CYS B 93 -14.68 21.00 8.31
N GLN B 94 -14.26 21.18 9.55
CA GLN B 94 -14.87 22.14 10.43
C GLN B 94 -13.82 22.76 11.32
N SER B 95 -13.95 24.07 11.54
CA SER B 95 -13.03 24.80 12.39
C SER B 95 -13.40 24.58 13.86
N GLU B 96 -12.40 24.41 14.71
CA GLU B 96 -12.61 24.24 16.14
C GLU B 96 -11.99 25.44 16.86
N GLY B 97 -12.29 26.64 16.38
CA GLY B 97 -11.77 27.87 16.93
C GLY B 97 -10.25 27.94 16.83
N ARG B 98 -9.60 28.43 17.87
CA ARG B 98 -8.14 28.53 17.90
C ARG B 98 -7.45 27.19 18.19
N ILE B 99 -8.20 26.12 18.55
CA ILE B 99 -7.60 24.82 18.88
C ILE B 99 -7.01 24.15 17.64
N GLY B 100 -7.74 24.25 16.54
CA GLY B 100 -7.32 23.65 15.30
C GLY B 100 -8.48 23.37 14.38
N THR B 101 -8.38 22.28 13.66
CA THR B 101 -9.35 21.92 12.67
C THR B 101 -9.78 20.44 12.83
N ARG B 102 -10.91 20.05 12.27
CA ARG B 102 -11.41 18.69 12.37
C ARG B 102 -11.80 18.20 10.97
N ARG B 103 -11.41 16.98 10.59
CA ARG B 103 -11.88 16.41 9.34
C ARG B 103 -12.74 15.19 9.67
N ASP B 104 -13.96 15.13 9.12
CA ASP B 104 -14.85 14.00 9.35
C ASP B 104 -15.13 13.21 8.07
N TRP B 105 -15.45 11.93 8.21
CA TRP B 105 -15.75 11.07 7.07
C TRP B 105 -16.95 10.18 7.36
N ILE B 106 -17.71 9.86 6.31
CA ILE B 106 -18.82 8.91 6.35
C ILE B 106 -18.56 7.93 5.22
N LEU B 107 -18.56 6.64 5.52
CA LEU B 107 -18.35 5.59 4.53
C LEU B 107 -19.68 4.90 4.28
N LYS B 108 -20.06 4.70 3.02
CA LYS B 108 -21.31 4.04 2.67
C LYS B 108 -21.10 2.94 1.64
N ASP B 109 -22.03 1.98 1.59
CA ASP B 109 -22.02 0.95 0.55
C ASP B 109 -22.65 1.68 -0.65
N SER B 110 -21.94 1.77 -1.79
CA SER B 110 -22.48 2.48 -2.95
C SER B 110 -23.77 1.86 -3.51
N VAL B 111 -23.94 0.54 -3.32
CA VAL B 111 -25.11 -0.17 -3.81
C VAL B 111 -26.32 -0.02 -2.89
N THR B 112 -26.14 -0.24 -1.58
CA THR B 112 -27.25 -0.17 -0.63
C THR B 112 -27.51 1.23 -0.04
N GLY B 113 -26.48 2.07 0.01
CA GLY B 113 -26.58 3.41 0.57
C GLY B 113 -26.45 3.47 2.08
N GLU B 114 -26.24 2.33 2.73
CA GLU B 114 -26.14 2.26 4.18
C GLU B 114 -24.76 2.65 4.68
N VAL B 115 -24.72 3.30 5.86
CA VAL B 115 -23.47 3.72 6.48
C VAL B 115 -22.72 2.49 6.98
N THR B 116 -21.53 2.23 6.42
CA THR B 116 -20.73 1.07 6.83
C THR B 116 -19.52 1.44 7.72
N GLY B 117 -19.33 2.72 7.98
CA GLY B 117 -18.24 3.22 8.79
C GLY B 117 -18.20 4.72 8.90
N ARG B 118 -17.46 5.24 9.87
N ARG B 118 -17.46 5.24 9.87
N ARG B 118 -17.46 5.24 9.87
CA ARG B 118 -17.31 6.68 10.07
CA ARG B 118 -17.31 6.68 10.07
CA ARG B 118 -17.31 6.68 10.07
C ARG B 118 -15.97 7.01 10.74
C ARG B 118 -15.97 7.01 10.74
C ARG B 118 -15.97 7.00 10.75
N ALA B 119 -15.41 8.19 10.46
CA ALA B 119 -14.14 8.58 11.03
C ALA B 119 -14.07 10.06 11.39
N THR B 120 -13.23 10.39 12.36
CA THR B 120 -13.02 11.76 12.76
C THR B 120 -11.53 11.98 13.05
N SER B 121 -11.03 13.18 12.76
CA SER B 121 -9.62 13.47 13.00
C SER B 121 -9.43 14.90 13.47
N LYS B 122 -8.50 15.12 14.40
CA LYS B 122 -8.19 16.44 14.92
C LYS B 122 -6.84 16.91 14.39
N TRP B 123 -6.78 18.04 13.71
CA TRP B 123 -5.52 18.56 13.17
C TRP B 123 -5.11 19.82 13.91
N VAL B 124 -3.81 20.02 14.04
CA VAL B 124 -3.26 21.17 14.76
C VAL B 124 -2.20 21.90 13.91
N MET B 125 -2.07 23.21 14.11
CA MET B 125 -1.15 24.01 13.33
C MET B 125 0.22 24.04 13.96
N MET B 126 1.29 23.77 13.18
CA MET B 126 2.64 23.81 13.72
C MET B 126 3.67 24.32 12.71
N ASN B 127 4.81 24.82 13.21
CA ASN B 127 5.89 25.26 12.35
C ASN B 127 6.57 24.00 11.86
N GLN B 128 6.78 23.87 10.53
CA GLN B 128 7.40 22.68 9.94
C GLN B 128 8.85 22.44 10.35
N ASP B 129 9.60 23.50 10.69
CA ASP B 129 11.02 23.42 11.05
C ASP B 129 11.28 23.20 12.54
N THR B 130 10.69 24.04 13.41
CA THR B 130 10.90 23.93 14.84
C THR B 130 9.97 22.93 15.53
N ARG B 131 8.88 22.52 14.83
CA ARG B 131 7.85 21.60 15.31
C ARG B 131 7.02 22.18 16.47
N ARG B 132 6.94 23.50 16.58
CA ARG B 132 6.20 24.14 17.66
C ARG B 132 4.75 24.41 17.27
N LEU B 133 3.84 23.95 18.13
CA LEU B 133 2.40 24.08 17.95
C LEU B 133 1.95 25.50 18.19
N GLN B 134 0.93 25.94 17.46
CA GLN B 134 0.37 27.27 17.69
C GLN B 134 -1.11 27.34 17.38
N LYS B 135 -1.78 28.30 18.02
CA LYS B 135 -3.19 28.55 17.83
C LYS B 135 -3.46 29.11 16.43
N VAL B 136 -4.66 28.90 15.94
CA VAL B 136 -5.04 29.34 14.60
C VAL B 136 -5.35 30.85 14.61
N SER B 137 -4.60 31.64 13.84
CA SER B 137 -4.84 33.09 13.77
C SER B 137 -6.05 33.43 12.88
N ASP B 138 -6.62 34.65 12.99
CA ASP B 138 -7.75 35.11 12.18
C ASP B 138 -7.43 35.09 10.68
N ASP B 139 -6.22 35.50 10.29
CA ASP B 139 -5.84 35.54 8.88
C ASP B 139 -5.92 34.18 8.21
N VAL B 140 -5.54 33.11 8.93
CA VAL B 140 -5.60 31.77 8.35
C VAL B 140 -7.03 31.19 8.46
N ARG B 141 -7.83 31.55 9.49
CA ARG B 141 -9.21 31.07 9.58
C ARG B 141 -10.04 31.58 8.43
N ASP B 142 -9.89 32.86 8.09
CA ASP B 142 -10.64 33.46 6.99
C ASP B 142 -10.40 32.76 5.65
N GLU B 143 -9.24 32.12 5.49
CA GLU B 143 -8.91 31.42 4.26
C GLU B 143 -9.56 30.05 4.12
N TYR B 144 -9.78 29.31 5.22
CA TYR B 144 -10.39 27.99 5.12
C TYR B 144 -11.85 27.91 5.57
N LEU B 145 -12.38 28.92 6.27
CA LEU B 145 -13.77 28.88 6.74
C LEU B 145 -14.80 28.91 5.61
N VAL B 146 -14.47 29.58 4.50
CA VAL B 146 -15.36 29.63 3.35
C VAL B 146 -15.54 28.25 2.66
N PHE B 147 -14.80 27.21 3.09
CA PHE B 147 -14.88 25.83 2.59
C PHE B 147 -15.47 24.85 3.64
N CYS B 148 -15.94 25.37 4.78
CA CYS B 148 -16.49 24.58 5.85
C CYS B 148 -17.95 24.93 6.08
N PRO B 149 -18.82 23.95 6.43
CA PRO B 149 -20.19 24.32 6.84
C PRO B 149 -20.13 25.11 8.15
N GLN B 150 -20.92 26.17 8.29
CA GLN B 150 -20.88 27.02 9.49
C GLN B 150 -21.58 26.39 10.70
N GLU B 151 -22.72 25.72 10.47
CA GLU B 151 -23.40 25.01 11.54
C GLU B 151 -22.67 23.68 11.75
N PRO B 152 -22.55 23.21 13.00
CA PRO B 152 -21.84 21.95 13.25
C PRO B 152 -22.41 20.75 12.51
N ARG B 153 -21.52 19.94 11.94
CA ARG B 153 -21.88 18.73 11.21
C ARG B 153 -20.88 17.67 11.70
N LEU B 154 -21.30 16.84 12.66
CA LEU B 154 -20.43 15.86 13.30
C LEU B 154 -20.64 14.45 12.81
N ALA B 155 -19.56 13.73 12.47
CA ALA B 155 -19.67 12.31 12.13
C ALA B 155 -19.96 11.50 13.41
N PHE B 156 -19.50 11.97 14.58
CA PHE B 156 -19.73 11.35 15.89
C PHE B 156 -20.41 12.39 16.78
N PRO B 157 -21.73 12.54 16.62
CA PRO B 157 -22.43 13.57 17.39
C PRO B 157 -22.70 13.24 18.86
N GLU B 158 -22.97 11.98 19.19
CA GLU B 158 -23.25 11.50 20.57
C GLU B 158 -22.50 12.24 21.70
N GLU B 159 -23.20 12.56 22.81
CA GLU B 159 -22.59 13.16 23.98
C GLU B 159 -21.98 11.97 24.72
N ASN B 160 -20.65 11.98 24.91
CA ASN B 160 -19.81 10.97 25.56
C ASN B 160 -19.47 9.78 24.64
N ASN B 161 -19.11 10.06 23.39
CA ASN B 161 -18.74 9.04 22.41
C ASN B 161 -17.24 8.68 22.49
N ARG B 162 -16.86 7.52 21.93
CA ARG B 162 -15.48 7.01 21.96
C ARG B 162 -14.39 7.92 21.35
N SER B 163 -14.76 8.80 20.40
CA SER B 163 -13.80 9.67 19.70
C SER B 163 -13.13 10.75 20.54
N LEU B 164 -13.75 11.12 21.68
CA LEU B 164 -13.22 12.16 22.55
C LEU B 164 -12.74 11.64 23.91
N LYS B 165 -12.52 10.32 24.03
CA LYS B 165 -12.10 9.73 25.29
C LYS B 165 -10.61 9.94 25.54
N LYS B 166 -10.22 10.18 26.79
CA LYS B 166 -8.81 10.34 27.15
C LYS B 166 -8.11 8.96 27.11
N ILE B 167 -6.87 8.87 26.57
CA ILE B 167 -6.14 7.59 26.50
C ILE B 167 -4.97 7.53 27.51
N PRO B 168 -4.96 6.51 28.40
CA PRO B 168 -3.85 6.41 29.36
C PRO B 168 -2.55 5.85 28.76
N LYS B 169 -1.45 6.02 29.48
CA LYS B 169 -0.16 5.51 29.03
C LYS B 169 0.03 4.08 29.55
N LEU B 170 0.30 3.14 28.65
CA LEU B 170 0.50 1.73 28.96
C LEU B 170 1.62 1.53 29.99
N GLU B 171 1.37 0.68 30.98
CA GLU B 171 2.37 0.42 32.01
C GLU B 171 3.21 -0.83 31.69
N ASP B 172 4.52 -0.76 31.95
CA ASP B 172 5.46 -1.87 31.74
C ASP B 172 5.32 -2.85 32.92
N PRO B 173 5.32 -4.18 32.70
CA PRO B 173 5.45 -4.87 31.41
C PRO B 173 4.18 -4.94 30.55
N ALA B 174 4.35 -4.84 29.23
CA ALA B 174 3.26 -4.97 28.27
C ALA B 174 2.90 -6.43 28.14
N GLN B 175 1.62 -6.75 27.91
CA GLN B 175 1.21 -8.15 27.75
C GLN B 175 1.76 -8.73 26.45
N TYR B 176 1.69 -7.93 25.37
CA TYR B 176 2.14 -8.30 24.03
C TYR B 176 3.10 -7.23 23.45
N SER B 177 3.95 -7.64 22.50
CA SER B 177 4.88 -6.71 21.88
C SER B 177 5.42 -7.19 20.54
N MET B 178 5.75 -6.24 19.69
CA MET B 178 6.39 -6.49 18.41
C MET B 178 7.55 -5.50 18.40
N ILE B 179 8.78 -6.01 18.43
CA ILE B 179 9.96 -5.17 18.56
C ILE B 179 10.75 -5.04 17.25
N GLY B 180 11.45 -3.93 17.08
CA GLY B 180 12.32 -3.71 15.94
C GLY B 180 11.67 -3.29 14.63
N LEU B 181 10.49 -2.65 14.69
CA LEU B 181 9.76 -2.18 13.50
C LEU B 181 10.41 -0.98 12.81
N LYS B 182 10.71 -1.08 11.52
CA LYS B 182 11.36 0.01 10.78
C LYS B 182 10.55 0.35 9.55
N PRO B 183 10.45 1.63 9.21
CA PRO B 183 9.76 1.99 7.96
C PRO B 183 10.65 1.76 6.74
N ARG B 184 10.05 1.33 5.63
CA ARG B 184 10.78 1.21 4.37
C ARG B 184 10.35 2.41 3.44
N ARG B 185 10.84 2.48 2.18
CA ARG B 185 10.48 3.60 1.30
C ARG B 185 9.00 3.62 0.92
N ALA B 186 8.34 2.43 0.86
CA ALA B 186 6.90 2.37 0.58
C ALA B 186 6.10 3.01 1.70
N ASP B 187 6.63 3.05 2.95
CA ASP B 187 5.98 3.68 4.12
C ASP B 187 6.12 5.21 4.14
N LEU B 188 6.87 5.81 3.20
CA LEU B 188 7.07 7.25 3.18
C LEU B 188 6.16 7.96 2.19
N ASP B 189 5.81 9.21 2.48
CA ASP B 189 5.00 10.04 1.59
C ASP B 189 5.91 10.81 0.58
N MET B 190 5.37 11.76 -0.20
CA MET B 190 6.15 12.54 -1.16
C MET B 190 7.17 13.47 -0.48
N ASN B 191 6.90 13.89 0.78
CA ASN B 191 7.81 14.75 1.56
C ASN B 191 8.85 13.97 2.37
N GLN B 192 8.95 12.64 2.16
CA GLN B 192 9.87 11.70 2.82
C GLN B 192 9.55 11.48 4.31
N HIS B 193 8.32 11.82 4.74
CA HIS B 193 7.87 11.60 6.11
C HIS B 193 7.12 10.27 6.18
N VAL B 194 7.12 9.60 7.35
CA VAL B 194 6.39 8.34 7.49
C VAL B 194 4.87 8.60 7.38
N ASN B 195 4.16 7.84 6.52
CA ASN B 195 2.73 7.99 6.37
C ASN B 195 1.98 7.69 7.67
N ASN B 196 0.93 8.46 8.00
CA ASN B 196 0.14 8.24 9.22
C ASN B 196 -0.48 6.85 9.31
N VAL B 197 -0.73 6.21 8.16
CA VAL B 197 -1.32 4.88 8.10
C VAL B 197 -0.37 3.80 8.62
N THR B 198 0.96 3.96 8.42
CA THR B 198 2.01 3.04 8.91
C THR B 198 1.94 2.86 10.43
N TYR B 199 1.62 3.95 11.17
CA TYR B 199 1.50 3.88 12.62
C TYR B 199 0.35 2.99 13.04
N ILE B 200 -0.76 2.97 12.28
CA ILE B 200 -1.92 2.11 12.51
C ILE B 200 -1.47 0.65 12.36
N GLY B 201 -0.71 0.36 11.29
CA GLY B 201 -0.21 -0.99 11.06
C GLY B 201 0.75 -1.45 12.13
N TRP B 202 1.60 -0.52 12.60
CA TRP B 202 2.57 -0.75 13.65
C TRP B 202 1.87 -1.02 14.97
N VAL B 203 0.79 -0.28 15.27
CA VAL B 203 -0.04 -0.51 16.48
C VAL B 203 -0.66 -1.93 16.44
N LEU B 204 -1.22 -2.32 15.29
CA LEU B 204 -1.87 -3.62 15.14
C LEU B 204 -0.93 -4.83 15.13
N GLU B 205 0.38 -4.65 14.86
CA GLU B 205 1.39 -5.71 14.85
C GLU B 205 1.58 -6.43 16.21
N SER B 206 1.33 -5.73 17.34
CA SER B 206 1.46 -6.37 18.64
C SER B 206 0.18 -7.13 19.07
N ILE B 207 -0.94 -7.00 18.32
CA ILE B 207 -2.18 -7.76 18.56
C ILE B 207 -1.89 -9.20 18.12
N PRO B 208 -2.13 -10.20 18.98
CA PRO B 208 -1.85 -11.60 18.57
C PRO B 208 -2.65 -12.04 17.34
N GLN B 209 -2.08 -12.95 16.54
CA GLN B 209 -2.72 -13.44 15.32
C GLN B 209 -4.06 -14.11 15.61
N GLU B 210 -4.20 -14.79 16.76
CA GLU B 210 -5.44 -15.46 17.16
C GLU B 210 -6.59 -14.45 17.31
N ILE B 211 -6.32 -13.26 17.86
CA ILE B 211 -7.35 -12.23 17.99
C ILE B 211 -7.79 -11.77 16.59
N VAL B 212 -6.84 -11.55 15.70
CA VAL B 212 -7.12 -11.14 14.33
C VAL B 212 -7.95 -12.21 13.60
N ASP B 213 -7.62 -13.49 13.81
CA ASP B 213 -8.30 -14.63 13.20
C ASP B 213 -9.73 -14.90 13.69
N THR B 214 -10.03 -14.59 14.96
CA THR B 214 -11.35 -14.85 15.53
C THR B 214 -12.23 -13.59 15.71
N HIS B 215 -11.63 -12.40 15.65
CA HIS B 215 -12.33 -11.14 15.85
C HIS B 215 -12.19 -10.17 14.67
N GLU B 216 -13.08 -9.16 14.61
CA GLU B 216 -13.02 -8.10 13.62
C GLU B 216 -12.82 -6.76 14.34
N LEU B 217 -11.96 -5.91 13.81
CA LEU B 217 -11.69 -4.60 14.41
C LEU B 217 -12.88 -3.64 14.21
N GLN B 218 -13.48 -3.20 15.31
CA GLN B 218 -14.63 -2.31 15.25
C GLN B 218 -14.24 -0.83 15.44
N VAL B 219 -13.42 -0.51 16.45
CA VAL B 219 -13.02 0.87 16.74
C VAL B 219 -11.50 0.95 16.98
N ILE B 220 -10.87 2.03 16.52
CA ILE B 220 -9.47 2.33 16.75
C ILE B 220 -9.32 3.82 17.02
N THR B 221 -8.72 4.18 18.15
CA THR B 221 -8.45 5.58 18.49
C THR B 221 -6.94 5.72 18.63
N LEU B 222 -6.35 6.68 17.91
CA LEU B 222 -4.91 6.84 17.91
C LEU B 222 -4.47 8.29 18.09
N ASP B 223 -3.68 8.56 19.14
CA ASP B 223 -3.07 9.87 19.41
C ASP B 223 -1.68 9.89 18.81
N TYR B 224 -1.29 11.00 18.19
CA TYR B 224 0.01 11.17 17.54
C TYR B 224 0.82 12.18 18.36
N ARG B 225 1.81 11.71 19.09
CA ARG B 225 2.63 12.56 19.95
C ARG B 225 3.90 13.06 19.28
N ARG B 226 4.51 12.22 18.45
CA ARG B 226 5.79 12.53 17.85
C ARG B 226 5.97 11.79 16.54
N GLU B 227 6.67 12.39 15.59
N GLU B 227 6.66 12.39 15.58
N GLU B 227 6.67 12.39 15.59
CA GLU B 227 6.92 11.75 14.30
CA GLU B 227 6.90 11.75 14.29
CA GLU B 227 6.92 11.75 14.30
C GLU B 227 8.04 10.72 14.38
C GLU B 227 8.05 10.73 14.36
C GLU B 227 8.04 10.72 14.38
N CYS B 228 7.97 9.68 13.55
CA CYS B 228 9.00 8.65 13.49
C CYS B 228 9.82 8.98 12.23
N GLN B 229 11.13 9.16 12.40
CA GLN B 229 12.00 9.46 11.27
C GLN B 229 12.26 8.18 10.44
N GLN B 230 12.75 8.35 9.21
CA GLN B 230 13.09 7.25 8.31
C GLN B 230 14.11 6.29 8.95
N ASP B 231 15.05 6.82 9.75
CA ASP B 231 16.07 6.01 10.38
C ASP B 231 15.72 5.59 11.84
N ASP B 232 14.47 5.82 12.28
CA ASP B 232 14.07 5.43 13.64
C ASP B 232 13.56 3.96 13.67
N VAL B 233 13.64 3.33 14.84
CA VAL B 233 13.17 1.96 15.07
C VAL B 233 12.12 2.02 16.17
N VAL B 234 10.96 1.37 15.95
CA VAL B 234 9.78 1.39 16.81
C VAL B 234 9.50 0.06 17.52
N ASP B 235 8.97 0.14 18.76
CA ASP B 235 8.49 -1.01 19.53
C ASP B 235 6.99 -0.81 19.72
N SER B 236 6.19 -1.84 19.42
CA SER B 236 4.74 -1.79 19.53
C SER B 236 4.32 -2.64 20.74
N LEU B 237 3.59 -2.03 21.69
CA LEU B 237 3.20 -2.67 22.94
C LEU B 237 1.67 -2.69 23.09
N THR B 238 1.10 -3.83 23.52
CA THR B 238 -0.33 -4.02 23.69
C THR B 238 -0.68 -4.71 25.02
N THR B 239 -1.77 -4.29 25.65
CA THR B 239 -2.26 -4.91 26.87
C THR B 239 -3.78 -5.03 26.80
N THR B 240 -4.34 -6.20 27.15
CA THR B 240 -5.79 -6.38 27.13
C THR B 240 -6.40 -5.63 28.33
N THR B 241 -7.34 -4.72 28.08
CA THR B 241 -8.00 -3.98 29.15
C THR B 241 -9.42 -4.46 29.45
N SER B 242 -9.98 -5.36 28.61
CA SER B 242 -11.31 -5.90 28.88
C SER B 242 -11.25 -7.09 29.87
N ASP B 260 -16.67 -8.87 23.36
CA ASP B 260 -15.82 -7.78 22.91
C ASP B 260 -14.44 -7.78 23.58
N SER B 261 -13.40 -7.42 22.83
CA SER B 261 -12.04 -7.34 23.38
C SER B 261 -11.49 -5.93 23.23
N GLN B 262 -10.94 -5.37 24.30
CA GLN B 262 -10.36 -4.04 24.28
C GLN B 262 -8.89 -4.12 24.57
N PHE B 263 -8.12 -3.27 23.90
CA PHE B 263 -6.67 -3.25 24.07
C PHE B 263 -6.18 -1.83 24.25
N LEU B 264 -5.11 -1.68 24.99
CA LEU B 264 -4.42 -0.39 25.20
C LEU B 264 -3.10 -0.52 24.46
N HIS B 265 -2.74 0.49 23.65
CA HIS B 265 -1.55 0.43 22.82
C HIS B 265 -0.53 1.52 23.08
N LEU B 266 0.74 1.24 22.75
CA LEU B 266 1.80 2.21 22.86
C LEU B 266 2.90 1.96 21.82
N LEU B 267 3.25 2.99 21.04
CA LEU B 267 4.39 2.95 20.13
C LEU B 267 5.47 3.83 20.75
N ARG B 268 6.67 3.30 20.91
CA ARG B 268 7.80 4.06 21.44
C ARG B 268 9.08 3.72 20.69
N LEU B 269 10.05 4.63 20.68
CA LEU B 269 11.32 4.38 20.00
C LEU B 269 12.07 3.26 20.72
N SER B 270 12.61 2.31 19.93
CA SER B 270 13.30 1.10 20.40
C SER B 270 14.43 1.38 21.37
N GLY B 271 15.10 2.49 21.18
CA GLY B 271 16.20 2.87 22.04
C GLY B 271 15.77 3.46 23.35
N ASP B 272 15.67 4.80 23.38
CA ASP B 272 15.36 5.58 24.58
C ASP B 272 13.95 5.38 25.15
N GLY B 273 13.06 4.72 24.43
CA GLY B 273 11.70 4.52 24.91
C GLY B 273 10.82 5.75 24.79
N GLN B 274 11.19 6.67 23.89
CA GLN B 274 10.47 7.90 23.61
C GLN B 274 9.11 7.61 22.96
N GLU B 275 8.01 8.05 23.58
CA GLU B 275 6.67 7.82 23.06
C GLU B 275 6.39 8.53 21.72
N ILE B 276 5.85 7.78 20.75
CA ILE B 276 5.47 8.38 19.48
C ILE B 276 3.94 8.33 19.29
N ASN B 277 3.28 7.27 19.80
CA ASN B 277 1.82 7.11 19.73
C ASN B 277 1.29 6.34 20.91
N ARG B 278 0.03 6.57 21.24
CA ARG B 278 -0.75 5.81 22.19
C ARG B 278 -2.17 5.64 21.60
N GLY B 279 -2.83 4.54 21.92
CA GLY B 279 -4.15 4.29 21.38
C GLY B 279 -4.93 3.18 22.03
N THR B 280 -6.14 2.93 21.51
CA THR B 280 -7.04 1.88 21.97
C THR B 280 -7.73 1.22 20.78
N THR B 281 -8.03 -0.07 20.90
CA THR B 281 -8.79 -0.79 19.88
C THR B 281 -9.93 -1.57 20.53
N LEU B 282 -11.02 -1.76 19.79
CA LEU B 282 -12.17 -2.54 20.26
C LEU B 282 -12.45 -3.56 19.16
N TRP B 283 -12.53 -4.84 19.53
CA TRP B 283 -12.76 -5.91 18.56
C TRP B 283 -14.02 -6.69 18.95
N ARG B 284 -14.79 -7.17 17.96
CA ARG B 284 -16.00 -7.98 18.16
C ARG B 284 -15.77 -9.42 17.66
N LYS B 285 -16.43 -10.44 18.26
CA LYS B 285 -16.30 -11.81 17.77
C LYS B 285 -17.03 -11.95 16.42
N LYS B 286 -16.44 -12.70 15.48
CA LYS B 286 -17.06 -12.92 14.17
C LYS B 286 -18.24 -13.88 14.33
C4 A1BNE C . -4.66 -17.43 -18.07
C5 A1BNE C . -5.27 -16.84 -19.17
C6 A1BNE C . -6.05 -15.71 -18.99
C7 A1BNE C . -6.18 -15.13 -17.75
C8 A1BNE C . -5.53 -15.69 -16.66
N A1BNE C . -1.27 -16.69 -15.21
C A1BNE C . -0.52 -17.55 -14.29
O A1BNE C . -3.87 -18.54 -18.28
C1 A1BNE C . -1.85 -17.43 -16.33
C2 A1BNE C . -3.06 -18.26 -15.94
C3 A1BNE C . -3.45 -19.21 -17.07
C9 A1BNE C . -4.75 -16.81 -16.82
O1 A1BNE C . -4.14 -17.35 -15.70
C4 A1BNE D . -10.05 22.79 4.63
C5 A1BNE D . -11.30 22.94 4.05
C6 A1BNE D . -11.62 22.21 2.93
C7 A1BNE D . -10.73 21.31 2.40
C8 A1BNE D . -9.50 21.13 2.99
N A1BNE D . -7.84 19.77 6.98
C A1BNE D . -6.54 19.76 7.67
O A1BNE D . -9.77 23.52 5.77
C1 A1BNE D . -8.44 21.11 6.95
C2 A1BNE D . -7.74 22.11 6.04
C3 A1BNE D . -8.38 23.49 6.18
C9 A1BNE D . -9.18 21.83 4.15
O1 A1BNE D . -7.92 21.64 4.69
#